data_3BWC
#
_entry.id   3BWC
#
_cell.length_a   44.080
_cell.length_b   99.943
_cell.length_c   69.991
_cell.angle_alpha   90.00
_cell.angle_beta   106.26
_cell.angle_gamma   90.00
#
_symmetry.space_group_name_H-M   'P 1 21 1'
#
loop_
_entity.id
_entity.type
_entity.pdbx_description
1 polymer 'Spermidine synthase'
2 non-polymer S-ADENOSYLMETHIONINE
3 non-polymer BETA-MERCAPTOETHANOL
4 water water
#
_entity_poly.entity_id   1
_entity_poly.type   'polypeptide(L)'
_entity_poly.pdbx_seq_one_letter_code
;(MSE)AHHHHHH(MSE)PGSELISGGWFREENDQWPGQA(MSE)SLRVEKVLYDAPTKFQHLTIFESDPKGPWGTV
(MSE)ALDGCIQVTDYDEFVYHEVLGHTSLCSHPKPERVLIIGGGDGGVLREVLRHGTVEHCDLVDIDGEV(MSE)EQSK
QHFPQISRSLADPRATVRVGDGLAFVRQTPDNTYDVVIIDTTDPAGPASKLFGEAFYKDVLRILKPDGICCNQGESIWLD
LELIEK(MSE)SRFIRETGFASVQYAL(MSE)HVPTYPCGSIGTLVCSKKAGVDVTKPLRPVED(MSE)PFAKDLKYYDS
E(MSE)HKASFALPRFARHINNSE
;
_entity_poly.pdbx_strand_id   A,B
#
# COMPACT_ATOMS: atom_id res chain seq x y z
N SER A 12 3.54 -28.55 -16.91
CA SER A 12 4.46 -29.73 -16.83
C SER A 12 5.19 -29.81 -15.49
N GLU A 13 4.99 -28.83 -14.62
CA GLU A 13 5.66 -28.79 -13.32
C GLU A 13 4.69 -28.68 -12.15
N LEU A 14 4.03 -27.52 -12.02
CA LEU A 14 3.14 -27.26 -10.88
C LEU A 14 2.23 -28.46 -10.55
N ILE A 15 2.35 -28.94 -9.31
CA ILE A 15 1.59 -30.10 -8.84
C ILE A 15 0.70 -29.72 -7.67
N SER A 16 -0.49 -30.30 -7.61
CA SER A 16 -1.44 -30.04 -6.51
C SER A 16 -0.85 -30.53 -5.19
N GLY A 17 -0.76 -29.63 -4.22
CA GLY A 17 -0.10 -29.92 -2.96
C GLY A 17 1.29 -29.29 -2.89
N GLY A 18 1.85 -28.94 -4.04
CA GLY A 18 3.13 -28.24 -4.10
C GLY A 18 2.96 -26.76 -3.79
N TRP A 19 4.05 -26.01 -3.90
CA TRP A 19 4.03 -24.58 -3.64
C TRP A 19 4.46 -23.79 -4.87
N PHE A 20 3.66 -22.79 -5.22
CA PHE A 20 4.03 -21.83 -6.26
C PHE A 20 4.96 -20.80 -5.65
N ARG A 21 6.11 -20.57 -6.30
CA ARG A 21 7.13 -19.65 -5.82
C ARG A 21 7.35 -18.51 -6.80
N GLU A 22 7.02 -17.29 -6.38
CA GLU A 22 7.26 -16.10 -7.18
C GLU A 22 8.60 -15.48 -6.81
N GLU A 23 9.40 -15.15 -7.84
CA GLU A 23 10.72 -14.56 -7.64
C GLU A 23 11.24 -13.96 -8.95
N ASN A 24 12.01 -12.87 -8.85
CA ASN A 24 12.57 -12.21 -10.05
C ASN A 24 13.76 -11.29 -9.75
N ASP A 25 14.37 -10.77 -10.82
CA ASP A 25 15.48 -9.82 -10.73
C ASP A 25 14.96 -8.40 -10.47
N GLN A 26 15.87 -7.43 -10.43
CA GLN A 26 15.56 -6.05 -10.02
C GLN A 26 15.33 -5.99 -8.52
N TRP A 27 14.86 -7.12 -8.00
CA TRP A 27 14.51 -7.27 -6.61
C TRP A 27 15.00 -8.64 -6.11
N PRO A 28 16.33 -8.86 -6.10
CA PRO A 28 16.86 -10.18 -5.75
C PRO A 28 16.96 -10.43 -4.25
N GLY A 29 17.15 -11.69 -3.87
CA GLY A 29 17.23 -12.08 -2.47
C GLY A 29 15.89 -12.01 -1.75
N GLN A 30 14.81 -12.11 -2.52
CA GLN A 30 13.45 -12.09 -1.96
C GLN A 30 12.58 -13.09 -2.73
N ALA A 31 11.62 -13.68 -2.03
CA ALA A 31 10.67 -14.58 -2.65
C ALA A 31 9.35 -14.58 -1.88
N SER A 33 5.76 -16.91 -1.69
CA SER A 33 5.24 -18.22 -2.08
CA SER A 33 5.24 -18.23 -2.06
C SER A 33 3.80 -18.43 -1.63
N LEU A 34 3.06 -19.19 -2.43
CA LEU A 34 1.68 -19.57 -2.13
C LEU A 34 1.52 -21.08 -2.31
N ARG A 35 0.75 -21.70 -1.42
CA ARG A 35 0.49 -23.13 -1.51
C ARG A 35 -0.53 -23.40 -2.62
N VAL A 36 -0.31 -24.48 -3.38
CA VAL A 36 -1.18 -24.88 -4.48
C VAL A 36 -2.13 -26.00 -4.03
N GLU A 37 -3.42 -25.70 -3.98
CA GLU A 37 -4.44 -26.71 -3.67
C GLU A 37 -4.77 -27.54 -4.90
N LYS A 38 -4.86 -26.89 -6.06
CA LYS A 38 -5.18 -27.57 -7.31
C LYS A 38 -4.72 -26.75 -8.52
N VAL A 39 -3.89 -27.36 -9.37
CA VAL A 39 -3.44 -26.73 -10.61
C VAL A 39 -4.54 -26.83 -11.66
N LEU A 40 -5.06 -25.69 -12.09
CA LEU A 40 -6.14 -25.64 -13.08
C LEU A 40 -5.58 -25.53 -14.51
N TYR A 41 -4.46 -24.83 -14.65
CA TYR A 41 -3.81 -24.66 -15.95
C TYR A 41 -2.34 -24.30 -15.74
N ASP A 42 -1.47 -24.87 -16.57
CA ASP A 42 -0.04 -24.60 -16.50
C ASP A 42 0.65 -25.01 -17.80
N ALA A 43 0.88 -24.05 -18.69
CA ALA A 43 1.50 -24.31 -19.99
C ALA A 43 1.94 -23.02 -20.66
N PRO A 44 2.95 -23.10 -21.54
CA PRO A 44 3.37 -21.93 -22.31
C PRO A 44 2.44 -21.67 -23.48
N THR A 45 1.90 -20.45 -23.55
CA THR A 45 1.08 -20.05 -24.70
C THR A 45 2.01 -19.55 -25.80
N LYS A 46 1.42 -19.01 -26.87
CA LYS A 46 2.21 -18.49 -28.00
C LYS A 46 3.08 -17.29 -27.61
N PHE A 47 2.66 -16.55 -26.58
CA PHE A 47 3.34 -15.31 -26.18
C PHE A 47 3.96 -15.34 -24.77
N GLN A 48 3.40 -16.12 -23.86
CA GLN A 48 3.85 -16.14 -22.47
C GLN A 48 3.42 -17.42 -21.74
N HIS A 49 4.03 -17.69 -20.59
CA HIS A 49 3.64 -18.84 -19.80
C HIS A 49 2.46 -18.50 -18.89
N LEU A 50 1.36 -19.23 -19.08
CA LEU A 50 0.13 -19.02 -18.33
C LEU A 50 -0.03 -20.09 -17.27
N THR A 51 -0.11 -19.67 -16.01
CA THR A 51 -0.33 -20.58 -14.89
C THR A 51 -1.57 -20.16 -14.10
N ILE A 52 -2.46 -21.12 -13.86
CA ILE A 52 -3.68 -20.89 -13.07
C ILE A 52 -3.84 -22.01 -12.06
N PHE A 53 -4.01 -21.64 -10.79
CA PHE A 53 -4.21 -22.64 -9.74
C PHE A 53 -5.12 -22.12 -8.62
N GLU A 54 -5.75 -23.07 -7.92
CA GLU A 54 -6.53 -22.76 -6.75
C GLU A 54 -5.59 -22.69 -5.56
N SER A 55 -5.62 -21.57 -4.84
CA SER A 55 -4.75 -21.38 -3.67
C SER A 55 -5.32 -22.13 -2.47
N ASP A 56 -4.61 -22.05 -1.34
CA ASP A 56 -5.04 -22.72 -0.11
C ASP A 56 -6.46 -22.30 0.28
N PRO A 57 -7.39 -23.27 0.44
CA PRO A 57 -8.77 -22.94 0.80
C PRO A 57 -8.92 -22.21 2.14
N LYS A 58 -7.99 -22.47 3.05
CA LYS A 58 -8.00 -21.81 4.37
C LYS A 58 -7.46 -20.38 4.28
N GLY A 59 -6.83 -20.05 3.15
CA GLY A 59 -6.43 -18.68 2.86
C GLY A 59 -7.48 -17.98 2.02
N PRO A 60 -7.34 -16.65 1.84
CA PRO A 60 -8.36 -15.82 1.20
C PRO A 60 -8.21 -15.59 -0.30
N TRP A 61 -7.10 -16.01 -0.90
CA TRP A 61 -6.78 -15.62 -2.28
C TRP A 61 -7.63 -16.29 -3.36
N GLY A 62 -8.06 -17.52 -3.11
CA GLY A 62 -8.88 -18.25 -4.06
C GLY A 62 -8.11 -18.63 -5.32
N THR A 63 -8.74 -18.44 -6.47
CA THR A 63 -8.11 -18.76 -7.75
C THR A 63 -7.04 -17.73 -8.10
N VAL A 64 -5.87 -18.21 -8.51
CA VAL A 64 -4.73 -17.34 -8.81
C VAL A 64 -4.28 -17.54 -10.26
N ALA A 66 -1.09 -16.48 -12.88
CA ALA A 66 0.26 -15.96 -13.00
C ALA A 66 0.69 -15.99 -14.46
N LEU A 67 1.40 -14.94 -14.89
CA LEU A 67 1.92 -14.86 -16.24
C LEU A 67 3.44 -14.71 -16.19
N ASP A 68 4.15 -15.63 -16.85
CA ASP A 68 5.61 -15.70 -16.77
C ASP A 68 6.11 -15.69 -15.32
N GLY A 69 5.43 -16.46 -14.47
CA GLY A 69 5.80 -16.60 -13.06
C GLY A 69 5.38 -15.47 -12.15
N CYS A 70 4.73 -14.44 -12.70
CA CYS A 70 4.31 -13.27 -11.94
CA CYS A 70 4.31 -13.27 -11.94
C CYS A 70 2.80 -13.25 -11.78
N ILE A 71 2.33 -13.21 -10.54
CA ILE A 71 0.89 -13.18 -10.23
C ILE A 71 0.26 -11.91 -10.79
N GLN A 72 -0.73 -12.09 -11.66
CA GLN A 72 -1.44 -10.97 -12.28
C GLN A 72 -2.87 -10.81 -11.79
N VAL A 73 -3.52 -11.92 -11.42
CA VAL A 73 -4.90 -11.88 -10.93
C VAL A 73 -5.13 -12.89 -9.81
N THR A 74 -5.77 -12.45 -8.74
CA THR A 74 -6.28 -13.33 -7.68
C THR A 74 -7.69 -12.89 -7.31
N ASP A 75 -8.56 -13.84 -6.97
CA ASP A 75 -9.95 -13.54 -6.62
C ASP A 75 -10.08 -12.48 -5.51
N TYR A 76 -9.12 -12.50 -4.58
CA TYR A 76 -9.16 -11.66 -3.39
C TYR A 76 -9.01 -10.16 -3.68
N ASP A 77 -7.86 -9.76 -4.22
CA ASP A 77 -7.55 -8.32 -4.40
C ASP A 77 -7.78 -7.80 -5.82
N GLU A 78 -8.22 -8.69 -6.70
CA GLU A 78 -8.54 -8.39 -8.09
C GLU A 78 -9.22 -7.03 -8.33
N PHE A 79 -10.20 -6.71 -7.48
CA PHE A 79 -10.99 -5.48 -7.63
C PHE A 79 -10.18 -4.19 -7.48
N VAL A 80 -9.12 -4.22 -6.68
CA VAL A 80 -8.33 -3.01 -6.40
C VAL A 80 -7.77 -2.42 -7.69
N TYR A 81 -6.97 -3.22 -8.38
CA TYR A 81 -6.26 -2.78 -9.58
C TYR A 81 -7.22 -2.43 -10.72
N HIS A 82 -8.32 -3.18 -10.83
CA HIS A 82 -9.26 -2.98 -11.91
C HIS A 82 -10.13 -1.73 -11.69
N GLU A 83 -10.55 -1.51 -10.45
CA GLU A 83 -11.30 -0.29 -10.11
C GLU A 83 -10.45 0.96 -10.24
N VAL A 84 -9.20 0.89 -9.78
CA VAL A 84 -8.30 2.03 -9.83
C VAL A 84 -8.02 2.46 -11.28
N LEU A 85 -7.60 1.52 -12.12
CA LEU A 85 -7.35 1.82 -13.53
C LEU A 85 -8.61 2.31 -14.24
N GLY A 86 -9.71 1.58 -14.06
CA GLY A 86 -10.97 1.90 -14.71
C GLY A 86 -11.56 3.25 -14.32
N HIS A 87 -11.69 3.48 -13.01
CA HIS A 87 -12.43 4.63 -12.51
C HIS A 87 -11.58 5.90 -12.37
N THR A 88 -10.33 5.78 -11.94
CA THR A 88 -9.44 6.95 -11.86
C THR A 88 -9.29 7.62 -13.24
N SER A 89 -9.30 6.83 -14.29
CA SER A 89 -9.16 7.33 -15.65
C SER A 89 -10.48 7.94 -16.17
N LEU A 90 -11.55 7.15 -16.11
CA LEU A 90 -12.85 7.61 -16.64
C LEU A 90 -13.46 8.75 -15.84
N CYS A 91 -13.33 8.72 -14.51
CA CYS A 91 -13.79 9.83 -13.67
C CYS A 91 -12.94 11.10 -13.83
N SER A 92 -11.80 10.99 -14.52
CA SER A 92 -10.99 12.16 -14.89
C SER A 92 -11.37 12.73 -16.26
N HIS A 93 -12.33 12.09 -16.94
CA HIS A 93 -12.77 12.53 -18.28
C HIS A 93 -14.16 13.19 -18.20
N PRO A 94 -14.38 14.28 -18.97
CA PRO A 94 -15.68 14.97 -18.95
C PRO A 94 -16.85 14.10 -19.40
N LYS A 95 -16.64 13.28 -20.42
CA LYS A 95 -17.68 12.41 -20.95
C LYS A 95 -17.06 11.26 -21.76
N PRO A 96 -16.59 10.21 -21.08
CA PRO A 96 -15.94 9.09 -21.76
C PRO A 96 -16.95 8.18 -22.46
N GLU A 97 -16.99 8.26 -23.79
CA GLU A 97 -17.94 7.49 -24.60
C GLU A 97 -17.27 6.33 -25.33
N ARG A 98 -16.10 6.60 -25.91
CA ARG A 98 -15.32 5.57 -26.60
C ARG A 98 -14.03 5.31 -25.83
N VAL A 99 -13.83 4.06 -25.45
CA VAL A 99 -12.69 3.67 -24.62
C VAL A 99 -11.90 2.52 -25.27
N LEU A 100 -10.59 2.58 -25.14
CA LEU A 100 -9.69 1.52 -25.62
C LEU A 100 -8.97 0.90 -24.43
N ILE A 101 -8.91 -0.43 -24.41
CA ILE A 101 -8.12 -1.16 -23.41
C ILE A 101 -7.09 -2.05 -24.13
N ILE A 102 -5.81 -1.76 -23.91
CA ILE A 102 -4.73 -2.62 -24.38
C ILE A 102 -4.37 -3.60 -23.27
N GLY A 103 -4.41 -4.89 -23.60
CA GLY A 103 -4.30 -5.95 -22.60
C GLY A 103 -5.65 -6.17 -21.94
N GLY A 104 -5.64 -6.51 -20.66
CA GLY A 104 -6.87 -6.69 -19.90
C GLY A 104 -7.74 -7.84 -20.39
N GLY A 105 -7.08 -8.90 -20.85
CA GLY A 105 -7.79 -10.07 -21.36
C GLY A 105 -8.66 -10.76 -20.32
N ASP A 106 -8.27 -10.65 -19.05
CA ASP A 106 -9.07 -11.20 -17.96
C ASP A 106 -10.46 -10.58 -17.86
N GLY A 107 -10.58 -9.32 -18.31
CA GLY A 107 -11.87 -8.65 -18.40
C GLY A 107 -12.21 -7.76 -17.22
N GLY A 108 -11.29 -7.65 -16.27
CA GLY A 108 -11.53 -6.92 -15.02
C GLY A 108 -11.68 -5.42 -15.22
N VAL A 109 -10.72 -4.82 -15.92
CA VAL A 109 -10.79 -3.39 -16.24
C VAL A 109 -12.00 -3.09 -17.12
N LEU A 110 -12.25 -3.95 -18.11
CA LEU A 110 -13.42 -3.82 -19.00
C LEU A 110 -14.72 -3.77 -18.18
N ARG A 111 -14.84 -4.69 -17.24
CA ARG A 111 -16.01 -4.74 -16.36
CA ARG A 111 -16.01 -4.74 -16.36
C ARG A 111 -16.24 -3.41 -15.66
N GLU A 112 -15.15 -2.79 -15.17
CA GLU A 112 -15.24 -1.51 -14.48
C GLU A 112 -15.58 -0.36 -15.41
N VAL A 113 -15.00 -0.35 -16.61
CA VAL A 113 -15.31 0.68 -17.60
C VAL A 113 -16.79 0.60 -18.04
N LEU A 114 -17.32 -0.61 -18.13
CA LEU A 114 -18.70 -0.83 -18.56
C LEU A 114 -19.73 -0.37 -17.52
N ARG A 115 -19.32 -0.21 -16.27
CA ARG A 115 -20.19 0.36 -15.23
C ARG A 115 -20.65 1.79 -15.58
N HIS A 116 -19.81 2.52 -16.31
CA HIS A 116 -20.10 3.89 -16.68
C HIS A 116 -21.13 3.95 -17.81
N GLY A 117 -22.25 4.62 -17.54
CA GLY A 117 -23.33 4.76 -18.52
C GLY A 117 -22.97 5.64 -19.71
N THR A 118 -21.99 6.52 -19.53
CA THR A 118 -21.50 7.37 -20.61
C THR A 118 -20.82 6.56 -21.71
N VAL A 119 -20.22 5.43 -21.33
CA VAL A 119 -19.50 4.58 -22.28
C VAL A 119 -20.47 3.95 -23.29
N GLU A 120 -20.35 4.36 -24.55
CA GLU A 120 -21.16 3.81 -25.63
C GLU A 120 -20.48 2.61 -26.27
N HIS A 121 -19.15 2.62 -26.32
CA HIS A 121 -18.38 1.51 -26.87
C HIS A 121 -16.99 1.39 -26.24
N CYS A 122 -16.54 0.14 -26.06
CA CYS A 122 -15.20 -0.13 -25.59
C CYS A 122 -14.51 -1.21 -26.43
N ASP A 123 -13.32 -0.87 -26.96
CA ASP A 123 -12.50 -1.83 -27.68
C ASP A 123 -11.44 -2.40 -26.74
N LEU A 124 -11.35 -3.72 -26.69
CA LEU A 124 -10.34 -4.39 -25.87
C LEU A 124 -9.43 -5.24 -26.77
N VAL A 125 -8.14 -4.96 -26.73
CA VAL A 125 -7.16 -5.64 -27.56
C VAL A 125 -6.08 -6.30 -26.71
N ASP A 126 -6.14 -7.62 -26.60
CA ASP A 126 -5.14 -8.40 -25.88
C ASP A 126 -4.45 -9.35 -26.86
N ILE A 127 -3.13 -9.46 -26.74
CA ILE A 127 -2.33 -10.22 -27.70
C ILE A 127 -2.47 -11.73 -27.51
N ASP A 128 -2.82 -12.15 -26.30
CA ASP A 128 -2.91 -13.57 -25.96
C ASP A 128 -4.37 -14.00 -25.79
N GLY A 129 -4.89 -14.71 -26.78
CA GLY A 129 -6.26 -15.21 -26.76
C GLY A 129 -6.51 -16.30 -25.75
N GLU A 130 -5.45 -17.02 -25.36
CA GLU A 130 -5.57 -18.08 -24.36
C GLU A 130 -5.75 -17.51 -22.94
N VAL A 131 -5.29 -16.29 -22.70
CA VAL A 131 -5.51 -15.62 -21.41
C VAL A 131 -7.01 -15.40 -21.16
N GLU A 133 -9.50 -17.07 -22.80
CA GLU A 133 -10.12 -18.39 -22.76
C GLU A 133 -10.06 -18.98 -21.36
N GLN A 134 -8.88 -18.93 -20.75
CA GLN A 134 -8.68 -19.44 -19.40
C GLN A 134 -9.33 -18.56 -18.34
N SER A 135 -9.49 -17.28 -18.64
CA SER A 135 -10.21 -16.35 -17.75
C SER A 135 -11.70 -16.64 -17.74
N LYS A 136 -12.25 -16.95 -18.91
CA LYS A 136 -13.66 -17.35 -19.03
C LYS A 136 -13.95 -18.59 -18.18
N GLN A 137 -13.02 -19.55 -18.20
CA GLN A 137 -13.22 -20.81 -17.50
C GLN A 137 -13.02 -20.68 -15.99
N HIS A 138 -11.95 -20.00 -15.57
CA HIS A 138 -11.54 -20.00 -14.16
C HIS A 138 -11.77 -18.69 -13.41
N PHE A 139 -12.10 -17.62 -14.14
CA PHE A 139 -12.51 -16.34 -13.52
C PHE A 139 -13.78 -15.82 -14.19
N PRO A 140 -14.90 -16.56 -14.04
CA PRO A 140 -16.14 -16.21 -14.75
C PRO A 140 -16.73 -14.86 -14.34
N GLN A 141 -16.53 -14.48 -13.08
CA GLN A 141 -17.09 -13.23 -12.54
C GLN A 141 -16.33 -12.00 -13.05
N ILE A 142 -15.09 -12.21 -13.51
CA ILE A 142 -14.26 -11.14 -14.04
C ILE A 142 -14.42 -11.03 -15.56
N SER A 143 -14.42 -12.17 -16.24
CA SER A 143 -14.46 -12.25 -17.71
C SER A 143 -15.87 -12.10 -18.31
N ARG A 144 -16.89 -12.03 -17.47
CA ARG A 144 -18.28 -11.82 -17.91
CA ARG A 144 -18.28 -11.81 -17.91
C ARG A 144 -18.40 -10.59 -18.83
N SER A 145 -17.59 -9.57 -18.54
CA SER A 145 -17.60 -8.32 -19.29
C SER A 145 -17.21 -8.48 -20.77
N LEU A 146 -16.40 -9.49 -21.07
CA LEU A 146 -15.88 -9.71 -22.43
C LEU A 146 -16.99 -9.96 -23.46
N ALA A 147 -18.14 -10.48 -23.01
CA ALA A 147 -19.27 -10.77 -23.90
C ALA A 147 -20.32 -9.64 -23.95
N ASP A 148 -19.98 -8.47 -23.42
CA ASP A 148 -20.92 -7.35 -23.37
C ASP A 148 -21.14 -6.73 -24.76
N PRO A 149 -22.41 -6.41 -25.12
CA PRO A 149 -22.73 -5.77 -26.39
C PRO A 149 -21.91 -4.52 -26.71
N ARG A 150 -21.66 -3.68 -25.70
CA ARG A 150 -20.86 -2.46 -25.87
C ARG A 150 -19.35 -2.73 -25.97
N ALA A 151 -18.95 -3.98 -25.81
CA ALA A 151 -17.55 -4.37 -25.90
C ALA A 151 -17.28 -5.11 -27.22
N THR A 152 -16.17 -4.77 -27.86
CA THR A 152 -15.63 -5.55 -28.97
C THR A 152 -14.24 -6.03 -28.57
N VAL A 153 -14.07 -7.34 -28.46
CA VAL A 153 -12.82 -7.93 -27.99
C VAL A 153 -11.98 -8.44 -29.16
N ARG A 154 -10.77 -7.91 -29.31
CA ARG A 154 -9.86 -8.32 -30.36
C ARG A 154 -8.64 -9.05 -29.80
N VAL A 155 -8.21 -10.11 -30.48
CA VAL A 155 -7.00 -10.84 -30.12
C VAL A 155 -5.86 -10.39 -31.04
N GLY A 156 -5.03 -9.49 -30.54
CA GLY A 156 -3.92 -8.97 -31.34
C GLY A 156 -3.01 -8.02 -30.59
N ASP A 157 -1.90 -7.65 -31.22
CA ASP A 157 -0.94 -6.73 -30.64
C ASP A 157 -1.51 -5.30 -30.57
N GLY A 158 -1.37 -4.68 -29.40
CA GLY A 158 -1.85 -3.32 -29.18
C GLY A 158 -0.99 -2.27 -29.86
N LEU A 159 0.30 -2.58 -30.02
CA LEU A 159 1.20 -1.71 -30.76
C LEU A 159 0.71 -1.55 -32.20
N ALA A 160 0.42 -2.69 -32.84
CA ALA A 160 -0.10 -2.69 -34.21
C ALA A 160 -1.49 -2.06 -34.29
N PHE A 161 -2.32 -2.30 -33.28
CA PHE A 161 -3.70 -1.79 -33.27
C PHE A 161 -3.75 -0.27 -33.24
N VAL A 162 -2.99 0.33 -32.32
CA VAL A 162 -2.96 1.79 -32.16
C VAL A 162 -2.34 2.50 -33.36
N ARG A 163 -1.41 1.83 -34.03
CA ARG A 163 -0.76 2.38 -35.22
C ARG A 163 -1.72 2.46 -36.41
N GLN A 164 -2.67 1.54 -36.44
CA GLN A 164 -3.67 1.46 -37.51
C GLN A 164 -5.02 2.10 -37.12
N THR A 165 -5.10 2.63 -35.89
CA THR A 165 -6.29 3.34 -35.44
C THR A 165 -6.20 4.80 -35.90
N PRO A 166 -7.31 5.35 -36.45
CA PRO A 166 -7.29 6.75 -36.89
C PRO A 166 -7.10 7.78 -35.76
N ASP A 167 -6.83 9.02 -36.13
CA ASP A 167 -6.69 10.12 -35.17
C ASP A 167 -8.02 10.39 -34.48
N ASN A 168 -7.94 10.84 -33.23
CA ASN A 168 -9.12 11.31 -32.49
C ASN A 168 -10.25 10.27 -32.49
N THR A 169 -9.92 9.04 -32.12
CA THR A 169 -10.89 7.96 -32.04
C THR A 169 -11.43 7.81 -30.62
N TYR A 170 -10.54 7.78 -29.64
CA TYR A 170 -10.90 7.40 -28.26
C TYR A 170 -10.90 8.57 -27.29
N ASP A 171 -11.76 8.46 -26.28
CA ASP A 171 -11.79 9.39 -25.15
C ASP A 171 -10.81 8.96 -24.07
N VAL A 172 -10.66 7.64 -23.89
CA VAL A 172 -9.73 7.10 -22.91
C VAL A 172 -9.01 5.87 -23.45
N VAL A 173 -7.71 5.81 -23.20
CA VAL A 173 -6.90 4.63 -23.54
C VAL A 173 -6.29 4.07 -22.26
N ILE A 174 -6.67 2.85 -21.90
CA ILE A 174 -6.14 2.17 -20.72
C ILE A 174 -5.17 1.07 -21.16
N ILE A 175 -3.92 1.20 -20.73
CA ILE A 175 -2.88 0.23 -21.03
C ILE A 175 -2.70 -0.69 -19.83
N ASP A 176 -3.33 -1.85 -19.88
CA ASP A 176 -3.31 -2.84 -18.81
C ASP A 176 -2.17 -3.83 -19.08
N THR A 177 -0.94 -3.31 -19.18
CA THR A 177 0.23 -4.13 -19.49
C THR A 177 1.56 -3.42 -19.20
N THR A 178 2.29 -3.88 -18.18
CA THR A 178 3.54 -3.24 -17.75
C THR A 178 4.52 -2.96 -18.89
N PHE A 188 6.66 -1.01 -26.76
CA PHE A 188 6.14 0.11 -25.98
C PHE A 188 7.12 1.29 -25.98
N GLY A 189 7.63 1.61 -27.16
CA GLY A 189 8.59 2.70 -27.33
C GLY A 189 7.90 4.04 -27.54
N GLU A 190 8.59 4.93 -28.26
CA GLU A 190 8.10 6.30 -28.45
C GLU A 190 7.03 6.35 -29.53
N ALA A 191 7.15 5.49 -30.55
CA ALA A 191 6.16 5.37 -31.59
C ALA A 191 4.79 4.94 -31.04
N PHE A 192 4.80 4.12 -30.00
CA PHE A 192 3.58 3.63 -29.37
C PHE A 192 2.82 4.74 -28.63
N TYR A 193 3.52 5.47 -27.78
CA TYR A 193 2.89 6.56 -27.00
C TYR A 193 2.57 7.78 -27.87
N LYS A 194 3.31 7.96 -28.96
CA LYS A 194 2.93 8.93 -29.99
C LYS A 194 1.60 8.53 -30.63
N ASP A 195 1.42 7.23 -30.87
CA ASP A 195 0.17 6.68 -31.39
C ASP A 195 -0.97 6.85 -30.39
N VAL A 196 -0.71 6.58 -29.13
CA VAL A 196 -1.72 6.71 -28.08
C VAL A 196 -2.19 8.17 -27.96
N LEU A 197 -1.24 9.10 -28.03
CA LEU A 197 -1.55 10.52 -28.00
C LEU A 197 -2.41 10.95 -29.20
N ARG A 198 -2.04 10.50 -30.40
CA ARG A 198 -2.76 10.90 -31.60
C ARG A 198 -4.15 10.28 -31.74
N ILE A 199 -4.32 9.03 -31.30
CA ILE A 199 -5.62 8.36 -31.37
C ILE A 199 -6.62 8.87 -30.34
N LEU A 200 -6.13 9.57 -29.32
CA LEU A 200 -6.98 10.21 -28.32
C LEU A 200 -7.58 11.51 -28.86
N LYS A 201 -8.81 11.79 -28.46
CA LYS A 201 -9.47 13.06 -28.78
C LYS A 201 -8.89 14.17 -27.88
N PRO A 202 -9.15 15.45 -28.21
CA PRO A 202 -8.48 16.57 -27.53
C PRO A 202 -8.49 16.53 -26.00
N ASP A 203 -9.62 16.12 -25.41
CA ASP A 203 -9.73 15.99 -23.96
C ASP A 203 -9.45 14.55 -23.48
N GLY A 204 -8.68 13.81 -24.25
CA GLY A 204 -8.43 12.40 -23.97
C GLY A 204 -7.57 12.14 -22.75
N ILE A 205 -7.83 11.01 -22.10
CA ILE A 205 -7.08 10.59 -20.93
C ILE A 205 -6.43 9.24 -21.17
N CYS A 206 -5.12 9.17 -20.92
CA CYS A 206 -4.40 7.91 -21.04
CA CYS A 206 -4.36 7.92 -21.04
C CYS A 206 -4.13 7.33 -19.66
N CYS A 207 -4.18 6.00 -19.56
CA CYS A 207 -3.94 5.31 -18.31
C CYS A 207 -3.01 4.13 -18.56
N ASN A 208 -1.98 4.01 -17.73
CA ASN A 208 -1.05 2.90 -17.83
C ASN A 208 -0.71 2.39 -16.44
N GLN A 209 -0.40 1.10 -16.33
CA GLN A 209 0.10 0.57 -15.06
C GLN A 209 1.56 1.00 -14.89
N GLY A 210 1.84 1.65 -13.77
CA GLY A 210 3.18 2.12 -13.46
C GLY A 210 3.93 1.10 -12.62
N GLU A 211 5.21 1.36 -12.41
CA GLU A 211 6.06 0.48 -11.61
C GLU A 211 5.88 0.80 -10.13
N SER A 212 6.55 0.02 -9.28
CA SER A 212 6.52 0.26 -7.85
C SER A 212 7.46 1.40 -7.47
N ILE A 213 7.03 2.25 -6.55
CA ILE A 213 7.88 3.34 -6.04
C ILE A 213 9.02 2.82 -5.15
N TRP A 214 8.92 1.56 -4.73
CA TRP A 214 9.96 0.94 -3.91
C TRP A 214 11.04 0.26 -4.75
N LEU A 215 10.65 -0.75 -5.52
CA LEU A 215 11.63 -1.59 -6.24
C LEU A 215 12.07 -1.04 -7.59
N ASP A 216 11.42 0.02 -8.08
CA ASP A 216 11.86 0.67 -9.32
C ASP A 216 11.31 2.10 -9.46
N LEU A 217 11.69 2.97 -8.53
CA LEU A 217 11.31 4.38 -8.56
C LEU A 217 11.91 5.11 -9.76
N GLU A 218 13.10 4.69 -10.16
CA GLU A 218 13.85 5.37 -11.21
C GLU A 218 13.18 5.20 -12.58
N LEU A 219 12.59 4.03 -12.81
CA LEU A 219 11.88 3.77 -14.06
C LEU A 219 10.56 4.55 -14.14
N ILE A 220 9.94 4.82 -12.99
CA ILE A 220 8.72 5.64 -12.94
C ILE A 220 9.00 7.07 -13.41
N GLU A 221 10.09 7.64 -12.91
CA GLU A 221 10.52 8.99 -13.28
C GLU A 221 10.80 9.09 -14.77
N LYS A 222 11.52 8.08 -15.30
CA LYS A 222 11.84 8.03 -16.72
C LYS A 222 10.59 7.94 -17.57
N SER A 224 7.56 8.68 -16.71
CA SER A 224 6.76 9.90 -16.51
C SER A 224 7.21 11.04 -17.41
N ARG A 225 8.51 11.27 -17.48
CA ARG A 225 9.06 12.35 -18.30
C ARG A 225 8.98 12.00 -19.79
N PHE A 226 9.26 10.74 -20.12
CA PHE A 226 9.17 10.23 -21.49
C PHE A 226 7.76 10.41 -22.08
N ILE A 227 6.73 10.13 -21.28
CA ILE A 227 5.34 10.33 -21.68
C ILE A 227 5.02 11.82 -21.90
N ARG A 228 5.58 12.68 -21.05
CA ARG A 228 5.38 14.13 -21.20
C ARG A 228 6.07 14.68 -22.45
N GLU A 229 7.29 14.20 -22.70
CA GLU A 229 8.07 14.61 -23.87
CA GLU A 229 8.07 14.59 -23.89
C GLU A 229 7.42 14.12 -25.18
N THR A 230 6.68 13.02 -25.10
CA THR A 230 5.95 12.49 -26.26
C THR A 230 4.89 13.49 -26.75
N GLY A 231 4.31 14.25 -25.82
CA GLY A 231 3.33 15.30 -26.17
C GLY A 231 2.20 15.51 -25.18
N PHE A 232 2.03 14.60 -24.23
CA PHE A 232 0.98 14.73 -23.22
C PHE A 232 1.21 15.94 -22.30
N ALA A 233 0.15 16.67 -22.01
CA ALA A 233 0.24 17.90 -21.22
C ALA A 233 0.69 17.63 -19.78
N SER A 234 0.07 16.65 -19.14
CA SER A 234 0.38 16.31 -17.75
C SER A 234 0.34 14.80 -17.51
N VAL A 235 1.12 14.34 -16.55
CA VAL A 235 1.09 12.96 -16.10
C VAL A 235 1.22 12.91 -14.57
N GLN A 236 0.36 12.11 -13.93
CA GLN A 236 0.36 11.96 -12.48
C GLN A 236 0.31 10.49 -12.10
N TYR A 237 1.14 10.13 -11.12
CA TYR A 237 1.24 8.75 -10.63
C TYR A 237 0.29 8.55 -9.45
N ALA A 238 -0.58 7.56 -9.57
CA ALA A 238 -1.53 7.20 -8.52
C ALA A 238 -1.10 5.90 -7.84
N LEU A 239 -1.14 5.88 -6.52
CA LEU A 239 -0.67 4.76 -5.73
C LEU A 239 -1.88 3.94 -5.24
N HIS A 241 -3.16 0.21 -2.79
CA HIS A 241 -2.86 -0.88 -1.87
C HIS A 241 -3.29 -2.21 -2.49
N VAL A 242 -2.34 -2.91 -3.12
CA VAL A 242 -2.58 -4.22 -3.71
C VAL A 242 -1.69 -5.27 -3.04
N PRO A 243 -2.27 -6.12 -2.18
CA PRO A 243 -1.47 -7.03 -1.34
C PRO A 243 -0.63 -8.10 -2.07
N THR A 244 -1.01 -8.49 -3.28
CA THR A 244 -0.33 -9.59 -3.97
C THR A 244 0.97 -9.20 -4.68
N TYR A 245 1.20 -7.90 -4.88
CA TYR A 245 2.41 -7.43 -5.55
C TYR A 245 3.60 -7.50 -4.58
N PRO A 246 4.79 -7.90 -5.05
CA PRO A 246 6.00 -8.05 -4.23
C PRO A 246 6.14 -7.11 -3.03
N CYS A 247 5.94 -5.82 -3.25
CA CYS A 247 6.08 -4.81 -2.20
C CYS A 247 4.74 -4.31 -1.66
N GLY A 248 3.65 -4.95 -2.09
CA GLY A 248 2.31 -4.60 -1.62
C GLY A 248 1.73 -3.31 -2.17
N SER A 249 2.35 -2.75 -3.22
CA SER A 249 1.86 -1.53 -3.84
C SER A 249 2.40 -1.34 -5.25
N ILE A 250 1.51 -1.42 -6.23
CA ILE A 250 1.80 -1.02 -7.60
C ILE A 250 1.18 0.36 -7.77
N GLY A 251 1.32 0.96 -8.95
CA GLY A 251 0.67 2.23 -9.24
C GLY A 251 0.21 2.35 -10.68
N THR A 252 -0.28 3.54 -11.04
CA THR A 252 -0.78 3.81 -12.38
C THR A 252 -0.54 5.26 -12.80
N LEU A 253 -0.04 5.45 -14.02
CA LEU A 253 0.16 6.78 -14.58
C LEU A 253 -1.11 7.22 -15.29
N VAL A 254 -1.73 8.29 -14.79
CA VAL A 254 -2.89 8.89 -15.44
C VAL A 254 -2.41 10.13 -16.20
N CYS A 255 -2.34 10.01 -17.52
CA CYS A 255 -1.85 11.10 -18.36
CA CYS A 255 -1.84 11.06 -18.41
C CYS A 255 -3.00 11.84 -19.02
N SER A 256 -2.76 13.12 -19.31
CA SER A 256 -3.78 13.98 -19.89
C SER A 256 -3.25 14.66 -21.15
N LYS A 257 -4.03 14.57 -22.24
CA LYS A 257 -3.67 15.20 -23.50
C LYS A 257 -3.93 16.70 -23.43
N LYS A 258 -5.06 17.08 -22.85
CA LYS A 258 -5.42 18.48 -22.70
C LYS A 258 -4.60 19.15 -21.60
N ALA A 259 -4.27 20.42 -21.80
CA ALA A 259 -3.58 21.22 -20.80
C ALA A 259 -4.59 21.87 -19.84
N GLY A 260 -4.16 22.09 -18.61
CA GLY A 260 -4.99 22.75 -17.61
C GLY A 260 -6.08 21.85 -17.04
N VAL A 261 -5.72 20.58 -16.79
CA VAL A 261 -6.64 19.61 -16.21
C VAL A 261 -5.96 18.84 -15.09
N ASP A 262 -6.61 18.80 -13.92
CA ASP A 262 -6.05 18.18 -12.73
C ASP A 262 -6.73 16.84 -12.48
N VAL A 263 -6.05 15.76 -12.85
CA VAL A 263 -6.59 14.41 -12.70
C VAL A 263 -6.56 13.90 -11.25
N THR A 264 -5.84 14.61 -10.37
CA THR A 264 -5.74 14.23 -8.97
C THR A 264 -7.03 14.50 -8.20
N LYS A 265 -7.88 15.38 -8.73
CA LYS A 265 -9.20 15.63 -8.15
C LYS A 265 -10.26 15.12 -9.13
N PRO A 266 -11.21 14.30 -8.66
CA PRO A 266 -12.22 13.73 -9.55
C PRO A 266 -13.03 14.79 -10.30
N LEU A 267 -12.94 14.78 -11.63
CA LEU A 267 -13.71 15.70 -12.47
C LEU A 267 -15.20 15.44 -12.33
N ARG A 268 -15.55 14.16 -12.35
CA ARG A 268 -16.91 13.71 -12.11
C ARG A 268 -16.88 12.75 -10.92
N PRO A 269 -17.37 13.19 -9.76
CA PRO A 269 -17.32 12.26 -8.62
C PRO A 269 -18.17 11.03 -8.87
N VAL A 270 -17.61 9.85 -8.57
CA VAL A 270 -18.29 8.58 -8.82
C VAL A 270 -19.52 8.40 -7.91
N GLU A 271 -19.58 9.16 -6.82
CA GLU A 271 -20.72 9.12 -5.90
C GLU A 271 -22.02 9.55 -6.58
N ASP A 272 -21.92 10.40 -7.60
CA ASP A 272 -23.08 10.82 -8.39
C ASP A 272 -23.57 9.71 -9.33
N PRO A 274 -24.82 5.66 -10.06
CA PRO A 274 -25.58 4.66 -9.29
C PRO A 274 -24.74 3.47 -8.83
N PHE A 275 -23.75 3.08 -9.64
CA PHE A 275 -22.86 1.96 -9.31
C PHE A 275 -21.81 2.29 -8.24
N ALA A 276 -21.78 3.52 -7.76
CA ALA A 276 -20.79 3.97 -6.76
C ALA A 276 -20.75 3.06 -5.53
N LYS A 277 -21.93 2.61 -5.11
CA LYS A 277 -22.07 1.77 -3.92
C LYS A 277 -21.77 0.29 -4.16
N ASP A 278 -21.49 -0.08 -5.41
CA ASP A 278 -21.13 -1.46 -5.76
C ASP A 278 -19.62 -1.71 -5.73
N LEU A 279 -18.82 -0.65 -5.78
CA LEU A 279 -17.36 -0.77 -5.79
C LEU A 279 -16.84 -1.21 -4.41
N LYS A 280 -15.73 -1.95 -4.41
CA LYS A 280 -15.16 -2.49 -3.18
C LYS A 280 -13.92 -1.71 -2.68
N TYR A 281 -13.35 -0.86 -3.53
CA TYR A 281 -12.14 -0.10 -3.21
C TYR A 281 -12.31 1.39 -3.50
N TYR A 282 -12.57 1.70 -4.77
CA TYR A 282 -12.52 3.08 -5.25
C TYR A 282 -13.70 3.93 -4.80
N ASP A 283 -13.38 5.17 -4.41
CA ASP A 283 -14.33 6.27 -4.29
C ASP A 283 -13.56 7.59 -4.44
N SER A 284 -14.26 8.72 -4.43
CA SER A 284 -13.62 10.02 -4.66
C SER A 284 -12.51 10.35 -3.67
N GLU A 285 -12.67 9.93 -2.42
CA GLU A 285 -11.64 10.16 -1.40
C GLU A 285 -10.40 9.29 -1.60
N HIS A 287 -9.52 8.29 -4.63
CA HIS A 287 -8.97 8.93 -5.84
C HIS A 287 -7.99 10.03 -5.46
N LYS A 288 -8.44 10.96 -4.61
CA LYS A 288 -7.60 12.06 -4.14
C LYS A 288 -6.34 11.55 -3.46
N ALA A 289 -6.52 10.61 -2.54
CA ALA A 289 -5.42 10.09 -1.72
C ALA A 289 -4.37 9.33 -2.52
N SER A 290 -4.79 8.66 -3.58
CA SER A 290 -3.88 7.86 -4.43
C SER A 290 -2.73 8.67 -5.01
N PHE A 291 -2.96 9.96 -5.25
CA PHE A 291 -1.93 10.83 -5.82
C PHE A 291 -1.04 11.47 -4.76
N ALA A 292 -1.31 11.20 -3.49
CA ALA A 292 -0.42 11.58 -2.39
C ALA A 292 0.67 10.54 -2.25
N LEU A 293 1.91 10.93 -2.55
CA LEU A 293 3.05 10.02 -2.54
C LEU A 293 3.97 10.31 -1.35
N PRO A 294 4.66 9.27 -0.84
CA PRO A 294 5.65 9.49 0.21
C PRO A 294 6.65 10.55 -0.21
N ARG A 295 7.19 11.28 0.75
CA ARG A 295 8.13 12.38 0.47
C ARG A 295 9.25 11.98 -0.49
N PHE A 296 9.79 10.78 -0.32
CA PHE A 296 10.91 10.31 -1.15
C PHE A 296 10.53 10.18 -2.63
N ALA A 297 9.24 9.98 -2.91
CA ALA A 297 8.73 9.82 -4.27
C ALA A 297 7.85 10.98 -4.75
N ARG A 298 7.71 12.02 -3.91
CA ARG A 298 6.78 13.13 -4.17
C ARG A 298 7.10 13.87 -5.48
N HIS A 299 8.38 14.08 -5.75
CA HIS A 299 8.84 14.81 -6.94
C HIS A 299 8.24 14.32 -8.27
N ILE A 300 7.81 13.05 -8.31
CA ILE A 300 7.17 12.48 -9.50
C ILE A 300 5.90 13.25 -9.88
N ASN A 301 5.10 13.59 -8.88
CA ASN A 301 3.86 14.36 -9.10
C ASN A 301 4.04 15.86 -8.86
N ASN A 302 5.13 16.24 -8.19
CA ASN A 302 5.38 17.63 -7.77
C ASN A 302 4.24 18.19 -6.91
N SER B 16 15.58 -22.46 4.34
CA SER B 16 16.42 -23.03 5.43
C SER B 16 17.89 -22.72 5.17
N GLY B 17 18.39 -23.13 4.01
CA GLY B 17 19.77 -22.87 3.62
C GLY B 17 19.93 -21.47 3.06
N GLY B 18 20.29 -20.53 3.94
CA GLY B 18 20.44 -19.13 3.56
C GLY B 18 19.14 -18.51 3.08
N TRP B 19 18.05 -18.80 3.79
CA TRP B 19 16.73 -18.24 3.46
C TRP B 19 15.85 -18.11 4.70
N PHE B 20 15.62 -16.88 5.15
CA PHE B 20 14.70 -16.60 6.24
C PHE B 20 13.26 -16.60 5.70
N ARG B 21 12.41 -17.46 6.26
CA ARG B 21 11.00 -17.56 5.86
C ARG B 21 10.09 -17.03 6.97
N GLU B 22 9.02 -16.34 6.57
CA GLU B 22 8.04 -15.78 7.51
C GLU B 22 6.67 -16.41 7.28
N GLU B 23 6.08 -16.92 8.37
CA GLU B 23 4.82 -17.67 8.30
C GLU B 23 4.85 -18.76 7.23
N PRO B 28 -1.24 -18.53 6.13
CA PRO B 28 -1.55 -19.92 6.42
C PRO B 28 -1.04 -20.86 5.34
N GLY B 29 -1.44 -20.62 4.10
CA GLY B 29 -0.92 -21.35 2.94
C GLY B 29 -0.03 -20.44 2.11
N GLN B 30 0.66 -19.51 2.78
CA GLN B 30 1.55 -18.56 2.12
C GLN B 30 2.83 -18.37 2.93
N ALA B 31 3.81 -17.73 2.31
CA ALA B 31 5.10 -17.49 2.94
C ALA B 31 5.89 -16.42 2.19
N SER B 33 9.93 -15.02 1.93
CA SER B 33 11.28 -15.45 2.25
C SER B 33 12.33 -14.40 1.87
N LEU B 34 13.40 -14.32 2.65
CA LEU B 34 14.54 -13.46 2.37
C LEU B 34 15.83 -14.25 2.51
N ARG B 35 16.77 -14.03 1.60
CA ARG B 35 18.08 -14.69 1.65
C ARG B 35 18.94 -14.09 2.77
N VAL B 36 19.66 -14.96 3.48
CA VAL B 36 20.53 -14.55 4.58
C VAL B 36 21.98 -14.48 4.11
N GLU B 37 22.54 -13.28 4.09
CA GLU B 37 23.95 -13.08 3.76
C GLU B 37 24.84 -13.38 4.97
N LYS B 38 24.42 -12.91 6.14
CA LYS B 38 25.14 -13.19 7.38
C LYS B 38 24.23 -13.04 8.60
N VAL B 39 24.22 -14.06 9.44
CA VAL B 39 23.45 -14.05 10.68
C VAL B 39 24.23 -13.28 11.75
N LEU B 40 23.67 -12.17 12.21
CA LEU B 40 24.32 -11.31 13.19
C LEU B 40 23.92 -11.71 14.61
N TYR B 41 22.68 -12.17 14.77
CA TYR B 41 22.17 -12.60 16.06
C TYR B 41 20.97 -13.52 15.86
N ASP B 42 20.90 -14.58 16.67
CA ASP B 42 19.76 -15.51 16.62
C ASP B 42 19.70 -16.34 17.90
N ALA B 43 18.82 -15.94 18.81
CA ALA B 43 18.66 -16.62 20.09
C ALA B 43 17.39 -16.18 20.80
N PRO B 44 16.85 -17.04 21.68
CA PRO B 44 15.69 -16.68 22.46
C PRO B 44 16.07 -15.80 23.65
N THR B 45 15.46 -14.63 23.75
CA THR B 45 15.68 -13.77 24.90
C THR B 45 14.69 -14.18 26.01
N LYS B 46 14.66 -13.42 27.11
CA LYS B 46 13.78 -13.73 28.24
C LYS B 46 12.28 -13.69 27.86
N PHE B 47 11.94 -12.86 26.87
CA PHE B 47 10.54 -12.63 26.49
C PHE B 47 10.15 -13.10 25.08
N GLN B 48 11.11 -13.13 24.15
CA GLN B 48 10.83 -13.48 22.77
C GLN B 48 12.09 -13.91 22.01
N HIS B 49 11.90 -14.53 20.85
CA HIS B 49 13.02 -14.93 20.01
C HIS B 49 13.48 -13.78 19.13
N LEU B 50 14.74 -13.36 19.32
CA LEU B 50 15.32 -12.25 18.58
C LEU B 50 16.24 -12.77 17.47
N THR B 51 15.94 -12.40 16.23
CA THR B 51 16.77 -12.77 15.09
C THR B 51 17.20 -11.51 14.33
N ILE B 52 18.49 -11.41 14.06
CA ILE B 52 19.05 -10.30 13.30
C ILE B 52 20.03 -10.83 12.26
N PHE B 53 19.82 -10.46 11.00
CA PHE B 53 20.68 -10.91 9.91
C PHE B 53 20.84 -9.85 8.83
N GLU B 54 21.96 -9.93 8.12
CA GLU B 54 22.19 -9.08 6.96
C GLU B 54 21.55 -9.76 5.75
N SER B 55 20.66 -9.03 5.06
CA SER B 55 19.97 -9.56 3.89
C SER B 55 20.88 -9.56 2.67
N ASP B 56 20.37 -10.03 1.54
CA ASP B 56 21.15 -10.09 0.30
C ASP B 56 21.68 -8.70 -0.06
N PRO B 57 23.02 -8.57 -0.23
CA PRO B 57 23.62 -7.28 -0.59
C PRO B 57 23.11 -6.69 -1.90
N LYS B 58 22.73 -7.55 -2.84
CA LYS B 58 22.19 -7.10 -4.12
C LYS B 58 20.73 -6.67 -4.01
N GLY B 59 20.10 -6.98 -2.88
CA GLY B 59 18.78 -6.45 -2.53
C GLY B 59 18.90 -5.20 -1.67
N PRO B 60 17.80 -4.44 -1.52
CA PRO B 60 17.81 -3.18 -0.79
C PRO B 60 17.51 -3.23 0.72
N TRP B 61 17.14 -4.39 1.27
CA TRP B 61 16.65 -4.45 2.67
C TRP B 61 17.74 -4.15 3.71
N GLY B 62 18.97 -4.58 3.44
CA GLY B 62 20.07 -4.39 4.38
C GLY B 62 19.89 -5.26 5.63
N THR B 63 20.15 -4.67 6.80
CA THR B 63 20.05 -5.39 8.06
C THR B 63 18.58 -5.59 8.43
N VAL B 64 18.24 -6.81 8.81
CA VAL B 64 16.85 -7.17 9.12
C VAL B 64 16.75 -7.69 10.55
N ALA B 66 13.99 -9.60 13.19
CA ALA B 66 12.74 -10.34 13.32
C ALA B 66 12.54 -10.75 14.77
N LEU B 67 11.29 -10.65 15.24
CA LEU B 67 10.91 -11.04 16.59
C LEU B 67 9.86 -12.13 16.55
N ASP B 68 10.14 -13.27 17.16
CA ASP B 68 9.30 -14.47 17.08
C ASP B 68 8.96 -14.82 15.62
N GLY B 69 9.97 -14.75 14.75
CA GLY B 69 9.83 -15.11 13.34
C GLY B 69 9.18 -14.06 12.46
N CYS B 70 8.79 -12.93 13.04
CA CYS B 70 8.12 -11.85 12.31
CA CYS B 70 8.12 -11.85 12.31
C CYS B 70 9.05 -10.65 12.16
N ILE B 71 9.28 -10.23 10.92
CA ILE B 71 10.15 -9.08 10.62
C ILE B 71 9.56 -7.81 11.22
N GLN B 72 10.32 -7.16 12.10
CA GLN B 72 9.87 -5.93 12.75
C GLN B 72 10.64 -4.69 12.27
N VAL B 73 11.90 -4.86 11.88
CA VAL B 73 12.72 -3.75 11.39
C VAL B 73 13.63 -4.16 10.24
N THR B 74 13.66 -3.35 9.18
CA THR B 74 14.65 -3.47 8.11
C THR B 74 15.17 -2.08 7.76
N ASP B 75 16.45 -1.98 7.39
CA ASP B 75 17.06 -0.69 7.04
C ASP B 75 16.28 0.07 5.98
N TYR B 76 15.69 -0.65 5.04
CA TYR B 76 15.05 -0.04 3.88
C TYR B 76 13.78 0.74 4.22
N ASP B 77 12.77 0.06 4.76
CA ASP B 77 11.44 0.67 4.97
C ASP B 77 11.21 1.17 6.40
N GLU B 78 12.18 0.93 7.26
CA GLU B 78 12.15 1.34 8.66
C GLU B 78 11.49 2.71 8.91
N PHE B 79 11.84 3.68 8.08
CA PHE B 79 11.39 5.07 8.26
C PHE B 79 9.87 5.25 8.13
N VAL B 80 9.22 4.40 7.34
CA VAL B 80 7.78 4.54 7.09
C VAL B 80 6.99 4.42 8.39
N TYR B 81 7.15 3.29 9.05
CA TYR B 81 6.40 2.97 10.27
C TYR B 81 6.72 3.92 11.41
N HIS B 82 7.98 4.32 11.51
CA HIS B 82 8.43 5.18 12.60
C HIS B 82 7.99 6.63 12.42
N GLU B 83 8.05 7.13 11.18
CA GLU B 83 7.55 8.47 10.87
C GLU B 83 6.03 8.57 11.01
N VAL B 84 5.31 7.55 10.57
CA VAL B 84 3.85 7.57 10.63
C VAL B 84 3.37 7.57 12.09
N LEU B 85 3.88 6.65 12.90
CA LEU B 85 3.51 6.59 14.31
C LEU B 85 3.89 7.86 15.06
N GLY B 86 5.13 8.30 14.87
CA GLY B 86 5.65 9.48 15.56
C GLY B 86 4.96 10.77 15.18
N HIS B 87 4.84 11.03 13.88
CA HIS B 87 4.39 12.34 13.40
C HIS B 87 2.87 12.47 13.28
N THR B 88 2.19 11.41 12.86
CA THR B 88 0.72 11.45 12.80
C THR B 88 0.12 11.73 14.19
N SER B 89 0.77 11.20 15.23
CA SER B 89 0.30 11.38 16.60
C SER B 89 0.65 12.77 17.15
N LEU B 90 1.93 13.14 17.07
CA LEU B 90 2.38 14.43 17.59
C LEU B 90 1.81 15.63 16.82
N CYS B 91 1.75 15.53 15.50
CA CYS B 91 1.15 16.59 14.68
C CYS B 91 -0.36 16.72 14.88
N SER B 92 -0.97 15.75 15.56
CA SER B 92 -2.37 15.83 15.96
C SER B 92 -2.57 16.44 17.34
N HIS B 93 -1.47 16.79 18.00
CA HIS B 93 -1.51 17.39 19.34
C HIS B 93 -1.19 18.89 19.28
N PRO B 94 -1.93 19.72 20.05
CA PRO B 94 -1.63 21.16 20.10
C PRO B 94 -0.21 21.52 20.53
N LYS B 95 0.32 20.83 21.52
CA LYS B 95 1.65 21.11 22.05
C LYS B 95 2.19 19.91 22.84
N PRO B 96 2.73 18.91 22.13
CA PRO B 96 3.20 17.69 22.78
C PRO B 96 4.55 17.89 23.46
N GLU B 97 4.54 17.95 24.79
CA GLU B 97 5.74 18.21 25.59
C GLU B 97 6.24 16.96 26.30
N ARG B 98 5.32 16.19 26.89
CA ARG B 98 5.64 14.91 27.53
C ARG B 98 5.06 13.76 26.72
N VAL B 99 5.93 12.83 26.33
CA VAL B 99 5.54 11.71 25.49
C VAL B 99 5.94 10.38 26.11
N LEU B 100 5.07 9.38 25.99
CA LEU B 100 5.37 8.01 26.43
C LEU B 100 5.39 7.08 25.23
N ILE B 101 6.39 6.20 25.18
CA ILE B 101 6.48 5.17 24.16
C ILE B 101 6.56 3.81 24.84
N ILE B 102 5.54 2.98 24.60
CA ILE B 102 5.55 1.60 25.07
C ILE B 102 6.05 0.71 23.93
N GLY B 103 7.11 -0.05 24.22
CA GLY B 103 7.85 -0.77 23.19
C GLY B 103 8.84 0.16 22.53
N GLY B 104 9.10 -0.05 21.23
CA GLY B 104 9.99 0.81 20.46
C GLY B 104 11.44 0.78 20.92
N GLY B 105 11.89 -0.38 21.38
CA GLY B 105 13.24 -0.55 21.87
C GLY B 105 14.31 -0.29 20.83
N ASP B 106 13.95 -0.49 19.56
CA ASP B 106 14.86 -0.19 18.45
C ASP B 106 15.22 1.31 18.36
N GLY B 107 14.33 2.16 18.86
CA GLY B 107 14.59 3.60 18.98
C GLY B 107 14.09 4.43 17.81
N GLY B 108 13.40 3.80 16.87
CA GLY B 108 12.98 4.46 15.64
C GLY B 108 11.88 5.49 15.87
N VAL B 109 10.83 5.09 16.58
CA VAL B 109 9.76 6.03 16.93
C VAL B 109 10.29 7.15 17.83
N LEU B 110 11.14 6.80 18.80
CA LEU B 110 11.76 7.78 19.69
C LEU B 110 12.52 8.85 18.91
N ARG B 111 13.31 8.41 17.94
CA ARG B 111 14.05 9.32 17.05
C ARG B 111 13.11 10.34 16.39
N GLU B 112 11.97 9.87 15.91
CA GLU B 112 11.00 10.74 15.24
C GLU B 112 10.31 11.70 16.20
N VAL B 113 10.00 11.21 17.39
CA VAL B 113 9.41 12.04 18.44
C VAL B 113 10.36 13.17 18.85
N LEU B 114 11.66 12.85 18.94
CA LEU B 114 12.67 13.81 19.36
C LEU B 114 12.92 14.92 18.33
N ARG B 115 12.52 14.71 17.08
CA ARG B 115 12.59 15.76 16.06
C ARG B 115 11.76 16.98 16.45
N HIS B 116 10.67 16.76 17.18
CA HIS B 116 9.78 17.84 17.60
C HIS B 116 10.40 18.66 18.74
N GLY B 117 10.54 19.96 18.50
CA GLY B 117 11.12 20.88 19.48
C GLY B 117 10.23 21.11 20.69
N THR B 118 8.93 20.90 20.52
CA THR B 118 7.97 21.02 21.63
C THR B 118 8.21 19.96 22.71
N VAL B 119 8.72 18.79 22.29
CA VAL B 119 8.97 17.68 23.21
C VAL B 119 10.06 18.03 24.21
N GLU B 120 9.68 18.16 25.48
CA GLU B 120 10.64 18.44 26.55
C GLU B 120 11.20 17.16 27.14
N HIS B 121 10.36 16.12 27.20
CA HIS B 121 10.77 14.81 27.72
C HIS B 121 10.00 13.66 27.08
N CYS B 122 10.68 12.54 26.87
CA CYS B 122 10.06 11.31 26.38
C CYS B 122 10.49 10.11 27.21
N ASP B 123 9.52 9.36 27.72
CA ASP B 123 9.77 8.11 28.41
C ASP B 123 9.55 6.95 27.45
N LEU B 124 10.54 6.05 27.36
CA LEU B 124 10.42 4.86 26.52
C LEU B 124 10.53 3.62 27.39
N VAL B 125 9.51 2.78 27.35
CA VAL B 125 9.45 1.57 28.17
C VAL B 125 9.29 0.32 27.30
N ASP B 126 10.38 -0.43 27.15
CA ASP B 126 10.37 -1.69 26.41
C ASP B 126 10.69 -2.83 27.37
N ILE B 127 9.96 -3.94 27.24
CA ILE B 127 10.07 -5.06 28.17
C ILE B 127 11.34 -5.88 27.96
N ASP B 128 11.87 -5.85 26.74
CA ASP B 128 13.05 -6.65 26.39
C ASP B 128 14.27 -5.76 26.20
N GLY B 129 15.18 -5.82 27.17
CA GLY B 129 16.41 -5.02 27.12
C GLY B 129 17.41 -5.50 26.08
N GLU B 130 17.29 -6.76 25.67
CA GLU B 130 18.17 -7.33 24.65
C GLU B 130 17.85 -6.78 23.26
N VAL B 131 16.59 -6.38 23.06
CA VAL B 131 16.19 -5.75 21.80
C VAL B 131 16.95 -4.45 21.57
N GLU B 133 19.81 -3.54 23.14
CA GLU B 133 21.24 -3.87 23.08
C GLU B 133 21.64 -4.27 21.66
N GLN B 134 20.85 -5.15 21.05
CA GLN B 134 21.12 -5.60 19.69
C GLN B 134 20.82 -4.52 18.65
N SER B 135 19.91 -3.61 18.97
CA SER B 135 19.61 -2.46 18.12
C SER B 135 20.76 -1.46 18.11
N LYS B 136 21.37 -1.24 19.28
CA LYS B 136 22.56 -0.40 19.41
C LYS B 136 23.70 -0.92 18.53
N GLN B 137 23.86 -2.23 18.51
CA GLN B 137 24.96 -2.88 17.78
C GLN B 137 24.71 -2.89 16.26
N HIS B 138 23.52 -3.31 15.86
CA HIS B 138 23.23 -3.60 14.45
C HIS B 138 22.34 -2.58 13.75
N PHE B 139 21.71 -1.68 14.51
CA PHE B 139 20.95 -0.56 13.93
C PHE B 139 21.35 0.75 14.62
N PRO B 140 22.61 1.17 14.44
CA PRO B 140 23.13 2.34 15.17
C PRO B 140 22.45 3.66 14.80
N GLN B 141 21.98 3.79 13.55
CA GLN B 141 21.35 5.01 13.08
C GLN B 141 19.90 5.14 13.57
N ILE B 142 19.32 4.03 14.02
CA ILE B 142 17.97 4.01 14.58
C ILE B 142 18.01 4.19 16.10
N SER B 143 18.91 3.47 16.75
CA SER B 143 19.01 3.41 18.21
C SER B 143 19.77 4.59 18.83
N ARG B 144 20.35 5.44 17.99
CA ARG B 144 21.03 6.66 18.42
C ARG B 144 20.16 7.52 19.36
N SER B 145 18.85 7.51 19.12
CA SER B 145 17.90 8.29 19.91
C SER B 145 17.80 7.84 21.37
N LEU B 146 18.10 6.57 21.64
CA LEU B 146 17.97 6.01 22.99
C LEU B 146 18.87 6.71 24.03
N ALA B 147 19.98 7.29 23.58
CA ALA B 147 20.92 7.98 24.47
C ALA B 147 20.68 9.50 24.55
N ASP B 148 19.53 9.98 24.05
CA ASP B 148 19.25 11.41 24.02
C ASP B 148 18.92 11.93 25.42
N PRO B 149 19.45 13.11 25.79
CA PRO B 149 19.15 13.76 27.08
C PRO B 149 17.67 13.87 27.42
N ARG B 150 16.84 14.21 26.43
CA ARG B 150 15.39 14.34 26.63
C ARG B 150 14.68 12.99 26.72
N ALA B 151 15.42 11.90 26.53
CA ALA B 151 14.85 10.56 26.61
C ALA B 151 15.29 9.86 27.90
N THR B 152 14.34 9.18 28.54
CA THR B 152 14.66 8.25 29.62
C THR B 152 14.15 6.87 29.21
N VAL B 153 15.08 5.92 29.06
CA VAL B 153 14.76 4.58 28.58
C VAL B 153 14.66 3.59 29.74
N ARG B 154 13.48 2.96 29.87
CA ARG B 154 13.23 1.97 30.91
C ARG B 154 13.10 0.57 30.31
N VAL B 155 13.69 -0.42 30.99
CA VAL B 155 13.51 -1.82 30.63
C VAL B 155 12.46 -2.45 31.54
N GLY B 156 11.23 -2.55 31.06
CA GLY B 156 10.14 -3.11 31.85
C GLY B 156 8.82 -3.23 31.11
N ASP B 157 7.85 -3.87 31.75
CA ASP B 157 6.53 -4.06 31.16
C ASP B 157 5.76 -2.73 31.15
N GLY B 158 5.16 -2.42 30.00
CA GLY B 158 4.39 -1.20 29.82
C GLY B 158 3.04 -1.25 30.52
N LEU B 159 2.49 -2.45 30.67
CA LEU B 159 1.28 -2.66 31.45
C LEU B 159 1.49 -2.18 32.88
N ALA B 160 2.57 -2.66 33.50
CA ALA B 160 2.92 -2.29 34.87
C ALA B 160 3.30 -0.82 34.99
N PHE B 161 3.95 -0.28 33.95
CA PHE B 161 4.39 1.12 33.97
C PHE B 161 3.21 2.09 33.99
N VAL B 162 2.26 1.87 33.09
CA VAL B 162 1.10 2.75 32.95
C VAL B 162 0.18 2.69 34.17
N ARG B 163 0.11 1.53 34.82
CA ARG B 163 -0.72 1.38 36.01
C ARG B 163 -0.12 2.11 37.22
N GLN B 164 1.19 2.28 37.22
CA GLN B 164 1.90 3.01 38.28
C GLN B 164 2.21 4.47 37.92
N THR B 165 1.82 4.88 36.71
CA THR B 165 1.99 6.27 36.28
C THR B 165 0.80 7.09 36.79
N PRO B 166 1.06 8.32 37.30
CA PRO B 166 -0.05 9.14 37.80
C PRO B 166 -0.98 9.66 36.70
N ASP B 167 -2.13 10.19 37.10
CA ASP B 167 -3.09 10.77 36.16
C ASP B 167 -2.50 12.00 35.49
N ASN B 168 -2.95 12.27 34.25
CA ASN B 168 -2.57 13.49 33.53
C ASN B 168 -1.06 13.72 33.50
N THR B 169 -0.31 12.71 33.09
CA THR B 169 1.15 12.80 33.00
C THR B 169 1.60 13.16 31.58
N TYR B 170 1.05 12.45 30.59
CA TYR B 170 1.54 12.55 29.22
C TYR B 170 0.60 13.27 28.26
N ASP B 171 1.19 13.91 27.26
CA ASP B 171 0.46 14.53 26.16
C ASP B 171 0.17 13.51 25.07
N VAL B 172 1.12 12.60 24.84
CA VAL B 172 0.94 11.54 23.86
C VAL B 172 1.49 10.21 24.37
N VAL B 173 0.72 9.14 24.12
CA VAL B 173 1.17 7.77 24.40
C VAL B 173 1.21 6.98 23.09
N ILE B 174 2.40 6.53 22.71
CA ILE B 174 2.59 5.73 21.51
C ILE B 174 2.85 4.29 21.90
N ILE B 175 1.96 3.38 21.49
CA ILE B 175 2.11 1.95 21.77
C ILE B 175 2.71 1.27 20.54
N ASP B 176 4.01 1.05 20.59
CA ASP B 176 4.76 0.45 19.50
C ASP B 176 4.84 -1.07 19.72
N THR B 177 3.68 -1.70 19.82
CA THR B 177 3.58 -3.13 20.10
C THR B 177 2.18 -3.63 19.70
N GLU B 190 -8.56 -4.30 29.00
CA GLU B 190 -9.35 -3.11 29.31
C GLU B 190 -8.68 -2.25 30.37
N ALA B 191 -8.06 -2.89 31.35
CA ALA B 191 -7.33 -2.19 32.41
C ALA B 191 -6.17 -1.36 31.84
N PHE B 192 -5.55 -1.86 30.77
CA PHE B 192 -4.42 -1.18 30.14
C PHE B 192 -4.83 0.11 29.45
N TYR B 193 -5.87 0.04 28.60
CA TYR B 193 -6.33 1.21 27.87
C TYR B 193 -7.08 2.20 28.77
N LYS B 194 -7.66 1.70 29.86
CA LYS B 194 -8.17 2.56 30.92
C LYS B 194 -7.02 3.36 31.55
N ASP B 195 -5.89 2.71 31.74
CA ASP B 195 -4.69 3.35 32.26
C ASP B 195 -4.13 4.38 31.27
N VAL B 196 -4.10 4.01 30.00
CA VAL B 196 -3.60 4.90 28.95
C VAL B 196 -4.45 6.17 28.88
N LEU B 197 -5.77 6.00 28.98
CA LEU B 197 -6.70 7.13 28.98
C LEU B 197 -6.48 8.04 30.19
N ARG B 198 -6.32 7.43 31.36
CA ARG B 198 -6.15 8.16 32.62
C ARG B 198 -4.84 8.94 32.70
N ILE B 199 -3.75 8.32 32.25
CA ILE B 199 -2.43 8.93 32.33
C ILE B 199 -2.23 10.06 31.30
N LEU B 200 -3.10 10.11 30.29
CA LEU B 200 -3.09 11.20 29.32
C LEU B 200 -3.75 12.45 29.89
N LYS B 201 -3.21 13.61 29.51
CA LYS B 201 -3.79 14.90 29.86
C LYS B 201 -5.05 15.14 28.99
N PRO B 202 -5.88 16.14 29.35
CA PRO B 202 -7.20 16.31 28.71
C PRO B 202 -7.20 16.34 27.18
N ASP B 203 -6.20 16.98 26.57
CA ASP B 203 -6.07 17.01 25.11
C ASP B 203 -5.08 15.94 24.61
N GLY B 204 -4.95 14.85 25.34
CA GLY B 204 -3.99 13.79 25.04
C GLY B 204 -4.34 12.96 23.81
N ILE B 205 -3.32 12.47 23.13
CA ILE B 205 -3.49 11.65 21.94
C ILE B 205 -2.82 10.29 22.17
N CYS B 206 -3.56 9.22 21.90
CA CYS B 206 -2.99 7.88 22.00
CA CYS B 206 -3.04 7.86 21.99
C CYS B 206 -2.74 7.34 20.58
N CYS B 207 -1.67 6.57 20.45
CA CYS B 207 -1.29 5.98 19.18
C CYS B 207 -0.92 4.52 19.39
N ASN B 208 -1.49 3.64 18.57
CA ASN B 208 -1.12 2.22 18.62
C ASN B 208 -0.98 1.69 17.21
N GLN B 209 -0.19 0.62 17.06
CA GLN B 209 -0.10 -0.07 15.79
C GLN B 209 -1.33 -0.95 15.62
N GLY B 210 -2.04 -0.74 14.52
CA GLY B 210 -3.25 -1.49 14.21
C GLY B 210 -2.91 -2.68 13.34
N GLU B 211 -3.91 -3.53 13.12
CA GLU B 211 -3.74 -4.72 12.30
C GLU B 211 -3.92 -4.37 10.82
N SER B 212 -3.74 -5.36 9.96
CA SER B 212 -3.94 -5.19 8.52
C SER B 212 -5.42 -5.19 8.17
N ILE B 213 -5.83 -4.30 7.26
CA ILE B 213 -7.21 -4.29 6.77
C ILE B 213 -7.53 -5.49 5.88
N TRP B 214 -6.48 -6.19 5.42
CA TRP B 214 -6.64 -7.37 4.57
C TRP B 214 -6.77 -8.66 5.40
N LEU B 215 -5.73 -8.99 6.15
CA LEU B 215 -5.67 -10.29 6.84
C LEU B 215 -6.34 -10.34 8.22
N ASP B 216 -6.76 -9.18 8.74
CA ASP B 216 -7.54 -9.15 9.99
C ASP B 216 -8.29 -7.82 10.17
N LEU B 217 -9.24 -7.56 9.26
CA LEU B 217 -10.10 -6.38 9.33
C LEU B 217 -11.03 -6.43 10.54
N GLU B 218 -11.43 -7.64 10.92
CA GLU B 218 -12.41 -7.84 11.98
C GLU B 218 -11.85 -7.44 13.34
N LEU B 219 -10.56 -7.71 13.54
CA LEU B 219 -9.86 -7.33 14.77
C LEU B 219 -9.68 -5.82 14.90
N ILE B 220 -9.54 -5.13 13.77
CA ILE B 220 -9.41 -3.67 13.76
C ILE B 220 -10.69 -3.01 14.25
N GLU B 221 -11.84 -3.49 13.77
CA GLU B 221 -13.15 -2.98 14.19
CA GLU B 221 -13.13 -2.95 14.20
C GLU B 221 -13.37 -3.21 15.68
N LYS B 222 -13.02 -4.41 16.16
CA LYS B 222 -13.16 -4.75 17.57
C LYS B 222 -12.30 -3.82 18.42
N SER B 224 -11.06 -0.96 17.61
CA SER B 224 -11.54 0.42 17.46
C SER B 224 -12.71 0.74 18.39
N ARG B 225 -13.70 -0.16 18.44
CA ARG B 225 -14.88 0.00 19.31
CA ARG B 225 -14.86 0.05 19.31
C ARG B 225 -14.48 -0.11 20.78
N PHE B 226 -13.63 -1.09 21.07
CA PHE B 226 -13.15 -1.35 22.43
C PHE B 226 -12.43 -0.13 23.03
N ILE B 227 -11.59 0.50 22.22
CA ILE B 227 -10.89 1.71 22.65
C ILE B 227 -11.85 2.88 22.88
N ARG B 228 -12.89 2.97 22.06
CA ARG B 228 -13.91 4.01 22.20
C ARG B 228 -14.75 3.82 23.46
N GLU B 229 -15.14 2.58 23.72
CA GLU B 229 -15.93 2.24 24.91
C GLU B 229 -15.11 2.35 26.20
N THR B 230 -13.79 2.25 26.08
CA THR B 230 -12.89 2.48 27.23
C THR B 230 -13.04 3.91 27.75
N GLY B 231 -13.29 4.86 26.86
CA GLY B 231 -13.49 6.26 27.23
C GLY B 231 -12.99 7.30 26.25
N PHE B 232 -12.16 6.90 25.28
CA PHE B 232 -11.63 7.83 24.28
C PHE B 232 -12.74 8.39 23.40
N ALA B 233 -12.67 9.69 23.13
CA ALA B 233 -13.73 10.38 22.38
C ALA B 233 -13.81 9.90 20.93
N SER B 234 -12.66 9.79 20.28
CA SER B 234 -12.61 9.36 18.88
C SER B 234 -11.40 8.47 18.60
N VAL B 235 -11.54 7.60 17.60
CA VAL B 235 -10.46 6.75 17.12
C VAL B 235 -10.51 6.68 15.59
N GLN B 236 -9.36 6.88 14.95
CA GLN B 236 -9.27 6.80 13.49
C GLN B 236 -8.09 5.94 13.06
N TYR B 237 -8.33 5.09 12.08
CA TYR B 237 -7.32 4.17 11.55
C TYR B 237 -6.59 4.81 10.37
N ALA B 238 -5.26 4.87 10.47
CA ALA B 238 -4.42 5.43 9.43
C ALA B 238 -3.69 4.29 8.71
N LEU B 239 -3.65 4.37 7.38
CA LEU B 239 -3.07 3.32 6.55
C LEU B 239 -1.69 3.77 6.05
N HIS B 241 1.99 2.52 3.52
CA HIS B 241 2.66 1.63 2.58
C HIS B 241 3.98 1.13 3.16
N VAL B 242 3.95 -0.04 3.77
CA VAL B 242 5.14 -0.68 4.34
C VAL B 242 5.39 -2.02 3.64
N PRO B 243 6.41 -2.07 2.76
CA PRO B 243 6.62 -3.25 1.89
C PRO B 243 6.96 -4.58 2.58
N THR B 244 7.53 -4.55 3.79
CA THR B 244 7.98 -5.77 4.46
C THR B 244 6.88 -6.58 5.16
N TYR B 245 5.73 -5.95 5.39
CA TYR B 245 4.61 -6.63 6.06
C TYR B 245 3.92 -7.59 5.08
N PRO B 246 3.51 -8.79 5.55
CA PRO B 246 2.86 -9.81 4.72
C PRO B 246 2.03 -9.31 3.54
N CYS B 247 1.13 -8.36 3.79
CA CYS B 247 0.23 -7.84 2.75
C CYS B 247 0.65 -6.46 2.24
N GLY B 248 1.83 -6.00 2.66
CA GLY B 248 2.38 -4.72 2.22
C GLY B 248 1.73 -3.48 2.80
N SER B 249 0.94 -3.65 3.85
CA SER B 249 0.29 -2.51 4.51
C SER B 249 -0.18 -2.86 5.92
N ILE B 250 0.46 -2.23 6.90
CA ILE B 250 -0.01 -2.23 8.27
C ILE B 250 -0.72 -0.89 8.47
N GLY B 251 -1.29 -0.66 9.66
CA GLY B 251 -1.90 0.62 9.98
C GLY B 251 -1.67 1.04 11.41
N THR B 252 -2.19 2.21 11.75
CA THR B 252 -2.10 2.74 13.11
C THR B 252 -3.43 3.35 13.53
N LEU B 253 -3.83 3.10 14.78
CA LEU B 253 -4.99 3.76 15.36
C LEU B 253 -4.51 5.00 16.11
N VAL B 254 -5.01 6.16 15.70
CA VAL B 254 -4.74 7.41 16.40
C VAL B 254 -6.01 7.79 17.15
N CYS B 255 -5.95 7.81 18.47
CA CYS B 255 -7.12 8.08 19.29
CA CYS B 255 -7.10 8.04 19.33
C CYS B 255 -6.94 9.33 20.14
N SER B 256 -8.05 10.06 20.32
CA SER B 256 -8.05 11.32 21.05
C SER B 256 -8.88 11.20 22.32
N LYS B 257 -8.36 11.74 23.41
CA LYS B 257 -9.07 11.80 24.67
C LYS B 257 -10.15 12.89 24.62
N LYS B 258 -9.81 14.01 23.99
CA LYS B 258 -10.75 15.13 23.84
C LYS B 258 -11.74 14.88 22.70
N ALA B 259 -13.00 15.23 22.93
CA ALA B 259 -14.05 15.12 21.92
C ALA B 259 -13.97 16.27 20.92
N GLY B 260 -14.49 16.03 19.72
CA GLY B 260 -14.50 17.04 18.67
C GLY B 260 -13.20 17.21 17.91
N VAL B 261 -12.20 16.38 18.22
CA VAL B 261 -10.89 16.45 17.58
C VAL B 261 -10.88 15.56 16.34
N ASP B 262 -10.50 16.15 15.20
CA ASP B 262 -10.37 15.41 13.94
C ASP B 262 -8.90 15.18 13.64
N VAL B 263 -8.40 14.01 14.01
CA VAL B 263 -7.00 13.65 13.78
C VAL B 263 -6.66 13.39 12.30
N THR B 264 -7.68 13.21 11.46
CA THR B 264 -7.48 12.92 10.04
C THR B 264 -6.91 14.11 9.25
N LYS B 265 -6.98 15.31 9.82
CA LYS B 265 -6.33 16.49 9.25
C LYS B 265 -5.26 16.95 10.25
N PRO B 266 -4.03 17.22 9.76
CA PRO B 266 -2.99 17.65 10.70
C PRO B 266 -3.37 18.92 11.46
N LEU B 267 -3.32 18.86 12.79
CA LEU B 267 -3.59 20.03 13.62
C LEU B 267 -2.47 21.05 13.43
N ARG B 268 -1.23 20.55 13.39
CA ARG B 268 -0.06 21.37 13.08
C ARG B 268 0.69 20.72 11.93
N PRO B 269 0.58 21.29 10.72
CA PRO B 269 1.36 20.78 9.59
C PRO B 269 2.85 20.70 9.91
N VAL B 270 3.48 19.59 9.55
CA VAL B 270 4.91 19.38 9.80
C VAL B 270 5.77 20.33 8.93
N GLU B 271 5.20 20.82 7.85
CA GLU B 271 5.88 21.75 6.94
C GLU B 271 6.40 23.02 7.64
N ASP B 272 5.75 23.38 8.75
CA ASP B 272 6.14 24.55 9.53
C ASP B 272 7.35 24.30 10.44
N PRO B 274 11.28 22.77 11.16
CA PRO B 274 12.49 22.77 10.33
C PRO B 274 12.93 21.39 9.83
N PHE B 275 12.42 20.32 10.44
CA PHE B 275 12.81 18.96 10.07
C PHE B 275 11.94 18.32 8.98
N ALA B 276 10.97 19.06 8.43
CA ALA B 276 10.03 18.51 7.45
C ALA B 276 10.70 17.84 6.26
N LYS B 277 11.74 18.49 5.71
CA LYS B 277 12.43 17.99 4.52
C LYS B 277 13.36 16.80 4.82
N ASP B 278 13.60 16.52 6.09
CA ASP B 278 14.40 15.37 6.49
C ASP B 278 13.59 14.08 6.49
N LEU B 279 12.26 14.20 6.54
CA LEU B 279 11.38 13.03 6.53
C LEU B 279 11.34 12.40 5.13
N LYS B 280 11.39 11.07 5.10
CA LYS B 280 11.43 10.33 3.85
C LYS B 280 10.05 9.85 3.40
N TYR B 281 9.08 9.85 4.32
CA TYR B 281 7.73 9.37 4.03
C TYR B 281 6.67 10.42 4.35
N TYR B 282 6.63 10.83 5.61
CA TYR B 282 5.52 11.60 6.15
C TYR B 282 5.54 13.07 5.72
N ASP B 283 4.37 13.54 5.28
CA ASP B 283 4.07 14.98 5.20
C ASP B 283 2.57 15.15 5.42
N SER B 284 2.09 16.40 5.34
CA SER B 284 0.67 16.68 5.62
C SER B 284 -0.29 16.05 4.62
N GLU B 285 0.13 15.93 3.36
CA GLU B 285 -0.71 15.30 2.33
C GLU B 285 -0.83 13.79 2.56
N HIS B 287 -0.48 12.47 5.54
CA HIS B 287 -1.29 12.43 6.77
C HIS B 287 -2.77 12.30 6.39
N LYS B 288 -3.26 13.24 5.60
CA LYS B 288 -4.66 13.22 5.16
C LYS B 288 -5.00 11.98 4.35
N ALA B 289 -4.14 11.63 3.40
CA ALA B 289 -4.36 10.46 2.54
C ALA B 289 -4.44 9.15 3.32
N SER B 290 -3.73 9.06 4.45
CA SER B 290 -3.66 7.81 5.22
C SER B 290 -5.00 7.37 5.82
N PHE B 291 -5.91 8.33 6.04
CA PHE B 291 -7.20 8.04 6.66
C PHE B 291 -8.31 7.79 5.65
N ALA B 292 -7.98 7.87 4.36
CA ALA B 292 -8.90 7.46 3.30
C ALA B 292 -8.76 5.96 3.11
N LEU B 293 -9.76 5.21 3.55
CA LEU B 293 -9.73 3.75 3.49
C LEU B 293 -10.52 3.23 2.30
N PRO B 294 -10.12 2.06 1.75
CA PRO B 294 -10.92 1.42 0.71
C PRO B 294 -12.37 1.22 1.18
N ARG B 295 -13.30 1.11 0.24
CA ARG B 295 -14.71 0.98 0.60
C ARG B 295 -14.98 -0.26 1.47
N PHE B 296 -14.29 -1.35 1.22
CA PHE B 296 -14.47 -2.57 2.02
C PHE B 296 -14.02 -2.39 3.49
N ALA B 297 -13.24 -1.34 3.76
CA ALA B 297 -12.71 -1.07 5.10
C ALA B 297 -13.19 0.27 5.69
N ARG B 298 -14.12 0.95 5.01
CA ARG B 298 -14.50 2.31 5.38
C ARG B 298 -15.24 2.41 6.72
N HIS B 299 -15.95 1.35 7.10
CA HIS B 299 -16.69 1.29 8.35
C HIS B 299 -15.80 1.43 9.60
N ILE B 300 -14.50 1.18 9.44
CA ILE B 300 -13.53 1.38 10.53
C ILE B 300 -13.44 2.85 10.95
N ASN B 301 -13.47 3.76 9.99
CA ASN B 301 -13.41 5.20 10.27
C ASN B 301 -14.77 5.91 10.20
N ASN B 302 -15.83 5.17 9.84
CA ASN B 302 -17.17 5.72 9.62
C ASN B 302 -17.21 6.72 8.47
#